data_3GZ7
#
_entry.id   3GZ7
#
_cell.length_a   103.692
_cell.length_b   55.807
_cell.length_c   40.658
_cell.angle_alpha   90.000
_cell.angle_beta   97.280
_cell.angle_gamma   90.000
#
_symmetry.space_group_name_H-M   'C 1 2 1'
#
loop_
_entity.id
_entity.type
_entity.pdbx_description
1 polymer 'Putative antibiotic biosynthesis monooxygenase'
2 non-polymer 'CITRIC ACID'
3 water water
#
_entity_poly.entity_id   1
_entity_poly.type   'polypeptide(L)'
_entity_poly.pdbx_seq_one_letter_code
;(MSE)GSDKIHHHHHHENLYFQG(MSE)IQEIASILVQPGREADFEAGVAQARPLF(MSE)RARGCHGVALHRSIEAPQR
YTLVVDWETVDNH(MSE)VDFRQSADFQEWRKLVGECFAEPPQVHHEQKVL
;
_entity_poly.pdbx_strand_id   A,B
#
# COMPACT_ATOMS: atom_id res chain seq x y z
N PHE A 17 10.92 -11.56 8.90
CA PHE A 17 10.59 -11.86 10.34
C PHE A 17 9.28 -12.71 10.50
N GLN A 18 9.05 -13.24 11.71
CA GLN A 18 7.91 -14.11 11.98
C GLN A 18 6.70 -13.32 12.49
N GLY A 19 5.66 -13.30 11.67
CA GLY A 19 4.46 -12.54 11.93
C GLY A 19 3.66 -12.29 10.64
N ILE A 21 1.78 -11.00 7.27
CA ILE A 21 2.07 -10.40 5.99
C ILE A 21 0.81 -9.74 5.42
N GLN A 22 1.00 -8.81 4.49
CA GLN A 22 -0.11 -8.16 3.78
C GLN A 22 -0.04 -8.45 2.29
N GLU A 23 -1.11 -8.97 1.76
CA GLU A 23 -1.33 -9.00 0.34
C GLU A 23 -1.72 -7.60 -0.06
N ILE A 24 -1.09 -7.08 -1.12
CA ILE A 24 -1.44 -5.78 -1.76
C ILE A 24 -1.93 -6.09 -3.15
N ALA A 25 -3.20 -5.80 -3.44
CA ALA A 25 -3.77 -5.98 -4.76
C ALA A 25 -4.12 -4.60 -5.34
N SER A 26 -3.42 -4.19 -6.41
CA SER A 26 -3.69 -2.93 -7.09
C SER A 26 -4.67 -3.20 -8.17
N ILE A 27 -5.85 -2.62 -8.03
CA ILE A 27 -6.97 -2.91 -8.89
C ILE A 27 -7.25 -1.68 -9.77
N LEU A 28 -7.51 -1.89 -11.06
CA LEU A 28 -8.02 -0.84 -11.92
C LEU A 28 -9.47 -1.20 -12.34
N VAL A 29 -10.42 -0.33 -11.97
CA VAL A 29 -11.81 -0.56 -12.20
C VAL A 29 -12.19 0.08 -13.55
N GLN A 30 -13.02 -0.61 -14.30
CA GLN A 30 -13.62 -0.08 -15.53
C GLN A 30 -14.37 1.24 -15.26
N PRO A 31 -14.23 2.22 -16.19
CA PRO A 31 -14.84 3.54 -16.02
C PRO A 31 -16.31 3.42 -15.70
N GLY A 32 -16.76 4.13 -14.66
CA GLY A 32 -18.15 4.03 -14.25
C GLY A 32 -18.53 2.88 -13.33
N ARG A 33 -17.61 1.96 -13.01
CA ARG A 33 -17.98 0.75 -12.21
C ARG A 33 -17.55 0.82 -10.73
N GLU A 34 -17.19 2.02 -10.28
CA GLU A 34 -16.55 2.20 -9.01
C GLU A 34 -17.50 1.89 -7.88
N ALA A 35 -18.73 2.42 -7.96
CA ALA A 35 -19.76 2.20 -6.94
C ALA A 35 -20.13 0.72 -6.86
N ASP A 36 -20.22 0.11 -8.03
CA ASP A 36 -20.52 -1.31 -8.15
C ASP A 36 -19.41 -2.09 -7.47
N PHE A 37 -18.18 -1.60 -7.61
CA PHE A 37 -17.01 -2.34 -7.13
C PHE A 37 -17.01 -2.27 -5.63
N GLU A 38 -17.05 -1.04 -5.11
CA GLU A 38 -17.14 -0.82 -3.67
C GLU A 38 -18.24 -1.66 -3.06
N ALA A 39 -19.46 -1.62 -3.62
CA ALA A 39 -20.59 -2.49 -3.15
C ALA A 39 -20.21 -3.96 -3.12
N GLY A 40 -19.59 -4.40 -4.21
CA GLY A 40 -19.09 -5.79 -4.31
C GLY A 40 -18.05 -6.18 -3.31
N VAL A 41 -17.02 -5.34 -3.10
CA VAL A 41 -16.05 -5.59 -2.03
C VAL A 41 -16.73 -5.64 -0.64
N ALA A 42 -17.68 -4.72 -0.37
CA ALA A 42 -18.32 -4.62 0.95
C ALA A 42 -19.05 -5.92 1.28
N GLN A 43 -19.70 -6.46 0.27
CA GLN A 43 -20.43 -7.71 0.35
C GLN A 43 -19.55 -8.96 0.40
N ALA A 44 -18.38 -8.86 -0.19
CA ALA A 44 -17.46 -9.98 -0.34
C ALA A 44 -16.51 -10.08 0.85
N ARG A 45 -16.39 -8.99 1.62
CA ARG A 45 -15.48 -8.90 2.76
C ARG A 45 -15.47 -10.09 3.72
N PRO A 46 -16.65 -10.59 4.15
CA PRO A 46 -16.81 -11.83 4.95
C PRO A 46 -16.23 -13.14 4.36
N LEU A 47 -16.20 -13.26 3.04
CA LEU A 47 -15.44 -14.31 2.36
C LEU A 47 -14.00 -14.34 2.76
N PHE A 48 -13.38 -13.18 2.77
CA PHE A 48 -11.99 -13.06 3.20
C PHE A 48 -11.81 -13.30 4.72
N ARG A 50 -13.48 -14.93 6.92
CA ARG A 50 -13.54 -16.37 7.20
C ARG A 50 -12.47 -17.25 6.46
N ALA A 51 -11.63 -16.68 5.61
CA ALA A 51 -10.56 -17.45 4.97
C ALA A 51 -9.54 -17.87 6.02
N ARG A 52 -8.97 -19.06 5.84
CA ARG A 52 -7.90 -19.56 6.72
C ARG A 52 -6.72 -18.58 6.87
N GLY A 53 -6.43 -18.16 8.12
CA GLY A 53 -5.35 -17.24 8.43
C GLY A 53 -5.49 -15.78 8.05
N CYS A 54 -6.70 -15.37 7.65
CA CYS A 54 -7.03 -14.00 7.37
C CYS A 54 -7.44 -13.27 8.64
N HIS A 55 -6.77 -12.14 8.91
CA HIS A 55 -7.06 -11.24 10.03
C HIS A 55 -7.38 -9.82 9.62
N GLY A 56 -7.93 -9.59 8.43
CA GLY A 56 -8.39 -8.24 8.05
C GLY A 56 -8.34 -7.97 6.56
N VAL A 57 -9.30 -7.15 6.08
CA VAL A 57 -9.48 -6.70 4.71
C VAL A 57 -9.88 -5.20 4.68
N ALA A 58 -9.09 -4.40 3.97
CA ALA A 58 -9.31 -2.96 3.79
C ALA A 58 -9.22 -2.58 2.28
N LEU A 59 -10.04 -1.61 1.89
CA LEU A 59 -10.14 -1.14 0.50
C LEU A 59 -9.76 0.33 0.51
N HIS A 60 -8.79 0.70 -0.31
CA HIS A 60 -8.35 2.08 -0.42
C HIS A 60 -8.55 2.53 -1.85
N ARG A 61 -8.79 3.82 -2.02
CA ARG A 61 -8.98 4.43 -3.32
C ARG A 61 -7.96 5.54 -3.59
N SER A 62 -7.34 5.49 -4.78
CA SER A 62 -6.42 6.52 -5.21
C SER A 62 -7.10 7.87 -5.40
N ILE A 63 -6.47 8.93 -4.90
CA ILE A 63 -6.92 10.31 -5.11
C ILE A 63 -6.59 10.80 -6.55
N GLU A 64 -5.40 10.50 -7.05
CA GLU A 64 -4.98 10.94 -8.37
C GLU A 64 -5.62 10.14 -9.52
N ALA A 65 -5.94 8.89 -9.28
CA ALA A 65 -6.50 8.00 -10.30
C ALA A 65 -7.70 7.31 -9.65
N PRO A 66 -8.85 8.00 -9.62
CA PRO A 66 -10.02 7.47 -8.93
C PRO A 66 -10.62 6.14 -9.40
N GLN A 67 -10.28 5.67 -10.60
CA GLN A 67 -10.62 4.30 -10.96
C GLN A 67 -9.65 3.28 -10.32
N ARG A 68 -8.57 3.70 -9.62
CA ARG A 68 -7.64 2.76 -9.02
C ARG A 68 -7.85 2.67 -7.50
N TYR A 69 -7.77 1.42 -7.03
CA TYR A 69 -7.99 1.02 -5.68
C TYR A 69 -6.89 0.04 -5.27
N THR A 70 -6.70 -0.10 -3.96
CA THR A 70 -5.77 -1.04 -3.38
C THR A 70 -6.51 -1.84 -2.32
N LEU A 71 -6.61 -3.15 -2.53
CA LEU A 71 -7.09 -4.05 -1.47
C LEU A 71 -5.89 -4.46 -0.63
N VAL A 72 -5.98 -4.28 0.69
CA VAL A 72 -4.93 -4.72 1.64
C VAL A 72 -5.55 -5.79 2.54
N VAL A 73 -4.99 -7.01 2.46
CA VAL A 73 -5.51 -8.17 3.17
C VAL A 73 -4.44 -8.69 4.11
N ASP A 74 -4.79 -8.89 5.39
CA ASP A 74 -3.86 -9.42 6.39
C ASP A 74 -3.94 -10.92 6.42
N TRP A 75 -2.78 -11.56 6.16
CA TRP A 75 -2.58 -13.00 6.17
C TRP A 75 -1.49 -13.39 7.15
N GLU A 76 -1.65 -14.54 7.79
CA GLU A 76 -0.60 -15.07 8.65
C GLU A 76 0.64 -15.47 7.87
N THR A 77 0.41 -16.13 6.73
CA THR A 77 1.43 -16.51 5.77
C THR A 77 0.98 -16.21 4.31
N VAL A 78 1.95 -16.11 3.40
CA VAL A 78 1.68 -15.94 1.96
C VAL A 78 0.93 -17.16 1.45
N ASP A 79 1.26 -18.36 1.95
CA ASP A 79 0.52 -19.56 1.46
C ASP A 79 -0.95 -19.53 1.87
N ASN A 80 -1.28 -18.93 3.02
CA ASN A 80 -2.70 -18.79 3.40
C ASN A 80 -3.47 -18.10 2.30
N HIS A 81 -2.82 -17.13 1.66
CA HIS A 81 -3.39 -16.49 0.47
C HIS A 81 -3.26 -17.28 -0.84
N VAL A 83 -2.07 -20.27 -1.81
CA VAL A 83 -2.47 -21.66 -1.88
C VAL A 83 -3.89 -21.79 -1.34
N ASP A 84 -4.08 -21.52 -0.04
CA ASP A 84 -5.38 -21.81 0.63
C ASP A 84 -6.56 -20.99 0.07
N PHE A 85 -6.44 -19.67 0.07
CA PHE A 85 -7.55 -18.83 -0.39
C PHE A 85 -7.79 -19.04 -1.88
N ARG A 86 -6.70 -19.07 -2.64
CA ARG A 86 -6.78 -19.24 -4.09
C ARG A 86 -7.39 -20.56 -4.55
N GLN A 87 -7.28 -21.62 -3.75
CA GLN A 87 -7.88 -22.93 -4.09
C GLN A 87 -9.32 -23.09 -3.53
N SER A 88 -9.87 -22.09 -2.83
CA SER A 88 -11.15 -22.27 -2.15
C SER A 88 -12.25 -21.78 -3.05
N ALA A 89 -13.45 -22.30 -2.80
CA ALA A 89 -14.65 -21.89 -3.50
C ALA A 89 -14.97 -20.44 -3.20
N ASP A 90 -14.48 -19.90 -2.08
CA ASP A 90 -14.72 -18.45 -1.80
C ASP A 90 -13.99 -17.53 -2.73
N PHE A 91 -12.86 -17.97 -3.26
CA PHE A 91 -12.18 -17.22 -4.34
C PHE A 91 -13.04 -17.14 -5.60
N GLN A 92 -13.68 -18.26 -5.92
CA GLN A 92 -14.59 -18.33 -7.06
C GLN A 92 -15.80 -17.40 -6.85
N GLU A 93 -16.24 -17.26 -5.60
CA GLU A 93 -17.34 -16.35 -5.25
C GLU A 93 -16.93 -14.85 -5.24
N TRP A 94 -15.73 -14.57 -4.74
CA TRP A 94 -15.14 -13.26 -4.86
C TRP A 94 -15.14 -12.83 -6.34
N ARG A 95 -14.67 -13.69 -7.24
CA ARG A 95 -14.58 -13.33 -8.65
C ARG A 95 -15.94 -13.17 -9.31
N LYS A 96 -16.92 -13.96 -8.89
CA LYS A 96 -18.32 -13.73 -9.27
C LYS A 96 -18.90 -12.40 -8.79
N LEU A 97 -18.52 -11.98 -7.58
CA LEU A 97 -18.98 -10.70 -7.03
C LEU A 97 -18.29 -9.44 -7.64
N VAL A 98 -16.99 -9.48 -7.93
CA VAL A 98 -16.30 -8.26 -8.39
C VAL A 98 -15.53 -8.33 -9.70
N GLY A 99 -15.27 -9.54 -10.17
CA GLY A 99 -14.55 -9.73 -11.44
C GLY A 99 -14.97 -8.90 -12.64
N GLU A 100 -16.27 -8.71 -12.85
CA GLU A 100 -16.81 -7.94 -13.99
C GLU A 100 -16.47 -6.43 -13.92
N CYS A 101 -16.07 -5.98 -12.73
CA CYS A 101 -15.67 -4.62 -12.48
C CYS A 101 -14.29 -4.33 -12.93
N PHE A 102 -13.42 -5.34 -13.03
CA PHE A 102 -12.00 -5.14 -13.34
C PHE A 102 -11.79 -4.70 -14.77
N ALA A 103 -10.84 -3.79 -15.01
CA ALA A 103 -10.44 -3.39 -16.37
C ALA A 103 -9.38 -4.38 -16.87
N GLU A 104 -8.59 -4.91 -15.92
CA GLU A 104 -7.61 -5.98 -16.16
C GLU A 104 -7.33 -6.73 -14.82
N PRO A 105 -6.60 -7.86 -14.87
CA PRO A 105 -6.30 -8.56 -13.60
C PRO A 105 -5.47 -7.68 -12.69
N PRO A 106 -5.83 -7.64 -11.40
CA PRO A 106 -5.07 -6.85 -10.43
C PRO A 106 -3.62 -7.27 -10.36
N GLN A 107 -2.74 -6.34 -10.08
CA GLN A 107 -1.34 -6.61 -9.81
C GLN A 107 -1.25 -6.87 -8.32
N VAL A 108 -0.83 -8.08 -7.95
CA VAL A 108 -0.84 -8.53 -6.55
C VAL A 108 0.60 -8.80 -6.10
N HIS A 109 1.03 -8.24 -4.97
CA HIS A 109 2.27 -8.67 -4.30
C HIS A 109 2.02 -8.77 -2.79
N HIS A 110 3.04 -9.20 -2.06
CA HIS A 110 2.91 -9.34 -0.61
C HIS A 110 4.00 -8.53 0.08
N GLU A 111 3.69 -8.01 1.26
CA GLU A 111 4.65 -7.19 2.03
C GLU A 111 4.77 -7.59 3.49
N GLN A 112 5.83 -7.15 4.14
CA GLN A 112 5.94 -7.24 5.57
C GLN A 112 6.33 -5.90 6.14
N LYS A 113 5.76 -5.57 7.30
CA LYS A 113 6.05 -4.31 7.96
C LYS A 113 7.41 -4.29 8.65
N VAL A 114 8.25 -3.36 8.21
CA VAL A 114 9.63 -3.21 8.69
C VAL A 114 9.76 -2.22 9.87
N LEU A 115 8.99 -1.13 9.82
CA LEU A 115 8.97 -0.05 10.83
C LEU A 115 7.55 0.52 10.86
N GLN B 18 -14.28 14.23 4.04
CA GLN B 18 -13.05 14.89 4.57
C GLN B 18 -12.47 14.20 5.81
N GLY B 19 -11.20 13.76 5.70
CA GLY B 19 -10.49 13.04 6.77
C GLY B 19 -9.06 12.65 6.38
N ILE B 21 -5.67 11.12 4.91
CA ILE B 21 -5.21 10.56 3.63
C ILE B 21 -3.85 9.88 3.86
N GLN B 22 -3.53 8.88 3.03
CA GLN B 22 -2.18 8.28 3.03
C GLN B 22 -1.42 8.61 1.74
N GLU B 23 -0.20 9.03 1.93
CA GLU B 23 0.82 9.00 0.96
C GLU B 23 1.25 7.55 0.88
N ILE B 24 1.44 7.10 -0.35
CA ILE B 24 1.97 5.80 -0.70
C ILE B 24 3.15 6.04 -1.63
N ALA B 25 4.37 5.79 -1.16
CA ALA B 25 5.61 6.00 -1.92
C ALA B 25 6.20 4.60 -2.19
N SER B 26 6.23 4.21 -3.48
N SER B 26 6.23 4.21 -3.46
CA SER B 26 6.88 2.99 -3.95
CA SER B 26 6.87 2.96 -3.90
C SER B 26 8.35 3.29 -4.24
C SER B 26 8.33 3.26 -4.26
N ILE B 27 9.26 2.61 -3.54
CA ILE B 27 10.71 2.92 -3.61
C ILE B 27 11.45 1.67 -4.06
N LEU B 28 12.47 1.83 -4.90
CA LEU B 28 13.33 0.74 -5.31
C LEU B 28 14.69 1.12 -4.86
N VAL B 29 15.26 0.25 -4.07
CA VAL B 29 16.54 0.51 -3.44
C VAL B 29 17.56 -0.23 -4.31
N GLN B 30 18.77 0.30 -4.31
CA GLN B 30 19.84 -0.27 -5.05
C GLN B 30 20.26 -1.56 -4.39
N PRO B 31 20.89 -2.46 -5.17
CA PRO B 31 21.29 -3.74 -4.62
C PRO B 31 22.24 -3.61 -3.45
N GLY B 32 21.90 -4.23 -2.33
CA GLY B 32 22.71 -4.15 -1.12
C GLY B 32 22.52 -2.95 -0.23
N ARG B 33 21.72 -1.95 -0.64
CA ARG B 33 21.55 -0.72 0.16
C ARG B 33 20.32 -0.76 1.07
N GLU B 34 19.71 -1.95 1.19
CA GLU B 34 18.43 -2.15 1.89
C GLU B 34 18.52 -1.85 3.40
N ALA B 35 19.57 -2.29 4.05
CA ALA B 35 19.75 -2.06 5.50
C ALA B 35 20.09 -0.58 5.80
N ASP B 36 20.86 0.03 4.91
CA ASP B 36 21.12 1.45 4.94
C ASP B 36 19.86 2.27 4.79
N PHE B 37 19.02 1.89 3.84
CA PHE B 37 17.77 2.65 3.59
C PHE B 37 16.84 2.52 4.81
N GLU B 38 16.64 1.28 5.28
CA GLU B 38 15.84 1.06 6.50
C GLU B 38 16.34 1.87 7.71
N ALA B 39 17.67 1.93 7.86
CA ALA B 39 18.34 2.77 8.86
C ALA B 39 18.00 4.25 8.73
N GLY B 40 18.06 4.77 7.51
CA GLY B 40 17.77 6.15 7.25
C GLY B 40 16.30 6.48 7.45
N VAL B 41 15.41 5.52 7.22
CA VAL B 41 13.98 5.76 7.44
C VAL B 41 13.77 5.93 8.97
N ALA B 42 14.31 5.00 9.76
CA ALA B 42 14.24 5.09 11.24
C ALA B 42 14.83 6.39 11.73
N GLN B 43 15.99 6.77 11.17
CA GLN B 43 16.65 8.05 11.51
C GLN B 43 15.78 9.29 11.12
N ALA B 44 15.02 9.17 10.04
CA ALA B 44 14.15 10.23 9.52
C ALA B 44 12.81 10.33 10.22
N ARG B 45 12.52 9.50 11.21
CA ARG B 45 11.19 9.53 11.79
C ARG B 45 10.78 10.85 12.43
N PRO B 46 11.69 11.52 13.15
CA PRO B 46 11.43 12.88 13.62
C PRO B 46 11.07 13.91 12.53
N LEU B 47 11.72 13.87 11.35
CA LEU B 47 11.39 14.78 10.26
C LEU B 47 9.94 14.71 9.85
N PHE B 48 9.40 13.50 9.78
CA PHE B 48 8.00 13.32 9.48
C PHE B 48 7.12 13.78 10.62
N ARG B 50 7.41 15.87 12.83
CA ARG B 50 7.33 17.29 13.02
C ARG B 50 6.82 18.01 11.80
N ALA B 51 6.52 17.29 10.73
CA ALA B 51 5.95 17.90 9.54
C ALA B 51 4.48 18.22 9.77
N ARG B 52 4.03 19.36 9.26
CA ARG B 52 2.65 19.83 9.47
C ARG B 52 1.63 18.84 8.91
N GLY B 53 0.64 18.50 9.72
CA GLY B 53 -0.41 17.54 9.30
C GLY B 53 -0.04 16.08 9.25
N CYS B 54 1.12 15.72 9.79
CA CYS B 54 1.61 14.36 9.66
C CYS B 54 1.26 13.56 10.92
N HIS B 55 0.61 12.42 10.74
CA HIS B 55 0.19 11.55 11.87
C HIS B 55 0.74 10.13 11.85
N GLY B 56 1.79 9.86 11.07
CA GLY B 56 2.38 8.54 11.12
C GLY B 56 3.16 8.13 9.89
N VAL B 57 4.16 7.29 10.12
CA VAL B 57 4.99 6.72 9.06
C VAL B 57 5.17 5.26 9.33
N ALA B 58 4.94 4.43 8.29
CA ALA B 58 5.21 2.98 8.36
C ALA B 58 6.07 2.58 7.14
N LEU B 59 6.87 1.53 7.26
CA LEU B 59 7.69 1.06 6.15
C LEU B 59 7.43 -0.42 5.89
N HIS B 60 7.14 -0.75 4.64
CA HIS B 60 6.84 -2.11 4.25
C HIS B 60 7.81 -2.50 3.18
N ARG B 61 8.20 -3.76 3.22
CA ARG B 61 9.11 -4.34 2.26
C ARG B 61 8.44 -5.47 1.53
N SER B 62 8.68 -5.52 0.21
CA SER B 62 8.11 -6.56 -0.68
C SER B 62 8.80 -7.87 -0.43
N ILE B 63 7.97 -8.94 -0.44
CA ILE B 63 8.42 -10.30 -0.33
C ILE B 63 8.89 -10.81 -1.68
N GLU B 64 8.13 -10.55 -2.75
CA GLU B 64 8.54 -10.98 -4.09
C GLU B 64 9.78 -10.26 -4.62
N ALA B 65 9.89 -8.97 -4.29
CA ALA B 65 10.93 -8.07 -4.79
C ALA B 65 11.50 -7.36 -3.61
N PRO B 66 12.49 -7.98 -2.92
CA PRO B 66 13.14 -7.48 -1.69
C PRO B 66 13.89 -6.12 -1.77
N GLN B 67 14.16 -5.61 -2.97
CA GLN B 67 14.66 -4.27 -3.09
C GLN B 67 13.52 -3.25 -3.11
N ARG B 68 12.25 -3.69 -3.22
CA ARG B 68 11.12 -2.75 -3.21
C ARG B 68 10.51 -2.54 -1.84
N TYR B 69 10.28 -1.27 -1.51
CA TYR B 69 9.68 -0.86 -0.26
C TYR B 69 8.51 0.02 -0.57
N THR B 70 7.51 0.02 0.33
CA THR B 70 6.41 0.97 0.33
C THR B 70 6.49 1.80 1.64
N LEU B 71 6.57 3.13 1.50
CA LEU B 71 6.47 4.02 2.64
C LEU B 71 5.03 4.50 2.67
N VAL B 72 4.39 4.39 3.83
CA VAL B 72 3.00 4.79 4.01
C VAL B 72 3.00 5.88 5.05
N VAL B 73 2.62 7.08 4.65
CA VAL B 73 2.63 8.24 5.52
C VAL B 73 1.22 8.84 5.67
N ASP B 74 0.81 9.12 6.90
CA ASP B 74 -0.54 9.61 7.17
C ASP B 74 -0.52 11.11 7.24
N TRP B 75 -1.40 11.75 6.46
CA TRP B 75 -1.44 13.22 6.33
C TRP B 75 -2.87 13.70 6.50
N GLU B 76 -3.06 14.87 7.06
CA GLU B 76 -4.42 15.42 7.16
C GLU B 76 -4.92 15.73 5.74
N THR B 77 -4.04 16.33 4.94
CA THR B 77 -4.35 16.63 3.53
C THR B 77 -3.20 16.35 2.63
N VAL B 78 -3.53 16.21 1.35
CA VAL B 78 -2.50 16.00 0.31
C VAL B 78 -1.53 17.20 0.32
N ASP B 79 -2.06 18.44 0.39
CA ASP B 79 -1.15 19.63 0.42
C ASP B 79 -0.14 19.60 1.53
N ASN B 80 -0.52 19.11 2.71
CA ASN B 80 0.44 18.94 3.80
C ASN B 80 1.67 18.23 3.30
N HIS B 81 1.47 17.19 2.51
CA HIS B 81 2.60 16.51 1.94
C HIS B 81 3.22 17.24 0.74
N VAL B 83 2.76 20.21 -0.83
CA VAL B 83 3.13 21.64 -0.74
C VAL B 83 3.97 21.87 0.52
N ASP B 84 3.37 21.67 1.68
CA ASP B 84 4.05 22.05 2.95
C ASP B 84 5.34 21.26 3.19
N PHE B 85 5.25 19.93 3.14
CA PHE B 85 6.44 19.06 3.41
C PHE B 85 7.46 19.17 2.28
N ARG B 86 7.01 19.05 1.02
CA ARG B 86 7.93 19.15 -0.13
C ARG B 86 8.72 20.43 -0.21
N GLN B 87 8.11 21.56 0.17
CA GLN B 87 8.79 22.87 0.06
C GLN B 87 9.63 23.22 1.29
N SER B 88 9.84 22.29 2.22
CA SER B 88 10.48 22.58 3.50
C SER B 88 11.91 22.05 3.50
N ALA B 89 12.71 22.56 4.43
CA ALA B 89 14.09 22.15 4.56
C ALA B 89 14.16 20.69 4.87
N ASP B 90 13.16 20.16 5.60
CA ASP B 90 13.21 18.77 6.04
C ASP B 90 13.10 17.78 4.91
N PHE B 91 12.39 18.17 3.84
CA PHE B 91 12.36 17.34 2.62
C PHE B 91 13.76 17.08 2.08
N GLN B 92 14.60 18.10 2.23
CA GLN B 92 15.97 18.07 1.77
C GLN B 92 16.81 17.23 2.72
N GLU B 93 16.54 17.38 4.01
CA GLU B 93 17.17 16.53 5.01
C GLU B 93 16.81 15.05 4.79
N TRP B 94 15.53 14.76 4.52
CA TRP B 94 15.08 13.43 4.16
C TRP B 94 15.91 12.84 3.01
N ARG B 95 16.00 13.58 1.91
CA ARG B 95 16.75 13.16 0.72
C ARG B 95 18.22 12.94 1.01
N LYS B 96 18.85 13.78 1.84
CA LYS B 96 20.22 13.55 2.26
C LYS B 96 20.38 12.22 3.01
N LEU B 97 19.38 11.85 3.81
CA LEU B 97 19.39 10.61 4.61
C LEU B 97 19.19 9.31 3.80
N VAL B 98 18.30 9.32 2.80
CA VAL B 98 17.95 8.10 2.05
C VAL B 98 18.12 8.14 0.53
N GLY B 99 18.20 9.34 -0.06
CA GLY B 99 18.28 9.53 -1.49
C GLY B 99 19.32 8.77 -2.28
N GLU B 100 20.50 8.53 -1.70
CA GLU B 100 21.56 7.77 -2.40
C GLU B 100 21.37 6.25 -2.35
N CYS B 101 20.38 5.80 -1.58
CA CYS B 101 19.90 4.42 -1.65
C CYS B 101 18.95 4.14 -2.80
N PHE B 102 18.30 5.15 -3.34
CA PHE B 102 17.31 4.92 -4.40
C PHE B 102 17.98 4.48 -5.72
N ALA B 103 17.31 3.57 -6.44
CA ALA B 103 17.74 3.06 -7.77
C ALA B 103 17.13 3.89 -8.88
N GLU B 104 15.96 4.45 -8.57
CA GLU B 104 15.27 5.42 -9.41
C GLU B 104 14.34 6.27 -8.52
N PRO B 105 13.77 7.34 -9.09
CA PRO B 105 12.87 8.18 -8.30
C PRO B 105 11.58 7.46 -7.86
N PRO B 106 11.24 7.56 -6.56
CA PRO B 106 10.04 6.91 -6.00
C PRO B 106 8.77 7.26 -6.76
N GLN B 107 7.84 6.30 -6.90
CA GLN B 107 6.52 6.56 -7.47
C GLN B 107 5.58 6.85 -6.31
N VAL B 108 4.98 8.03 -6.29
CA VAL B 108 4.15 8.53 -5.16
C VAL B 108 2.70 8.78 -5.63
N HIS B 109 1.73 8.30 -4.85
CA HIS B 109 0.30 8.66 -5.01
C HIS B 109 -0.33 8.70 -3.60
N HIS B 110 -1.59 9.07 -3.54
CA HIS B 110 -2.25 9.27 -2.27
C HIS B 110 -3.51 8.44 -2.31
N GLU B 111 -3.89 7.90 -1.18
CA GLU B 111 -5.08 7.08 -1.10
C GLU B 111 -5.91 7.50 0.06
N GLN B 112 -7.20 7.16 -0.02
CA GLN B 112 -8.10 7.25 1.09
C GLN B 112 -8.75 5.90 1.39
N LYS B 113 -8.94 5.58 2.67
CA LYS B 113 -9.65 4.36 3.05
C LYS B 113 -11.16 4.34 2.81
N VAL B 114 -11.63 3.35 2.03
CA VAL B 114 -13.05 3.26 1.68
C VAL B 114 -13.76 2.29 2.59
N LEU B 115 -13.17 1.11 2.79
CA LEU B 115 -13.73 0.09 3.69
C LEU B 115 -12.61 -0.36 4.62
#